data_3CVE
#
_entry.id   3CVE
#
_cell.length_a   39.014
_cell.length_b   62.508
_cell.length_c   57.526
_cell.angle_alpha   90.00
_cell.angle_beta   102.14
_cell.angle_gamma   90.00
#
_symmetry.space_group_name_H-M   'P 1 21 1'
#
loop_
_entity.id
_entity.type
_entity.pdbx_description
1 polymer 'Homer protein homolog 1'
2 water water
#
_entity_poly.entity_id   1
_entity_poly.type   'polypeptide(L)'
_entity_poly.pdbx_seq_one_letter_code
;GSHNSH(MSE)KLQEVEIRNKDLEGQLSE(MSE)EQRLEKSQSEQDAFRSNLKTLLEILDGKIFELTELRDNLAKLLECS
;
_entity_poly.pdbx_strand_id   A,B,C,D
#
# COMPACT_ATOMS: atom_id res chain seq x y z
N HIS A 3 -41.56 -58.03 -28.98
CA HIS A 3 -41.02 -57.85 -27.59
C HIS A 3 -39.74 -57.00 -27.57
N ASN A 4 -38.85 -57.28 -28.51
CA ASN A 4 -37.61 -56.53 -28.60
C ASN A 4 -37.88 -55.02 -28.74
N SER A 5 -38.79 -54.64 -29.64
CA SER A 5 -39.18 -53.22 -29.77
C SER A 5 -39.77 -52.64 -28.48
N HIS A 6 -40.58 -53.43 -27.78
CA HIS A 6 -41.24 -53.02 -26.55
C HIS A 6 -40.19 -52.79 -25.47
N LYS A 8 -36.96 -52.13 -25.94
CA LYS A 8 -36.16 -50.95 -26.33
C LYS A 8 -36.85 -49.63 -25.94
N LEU A 9 -38.13 -49.54 -26.27
CA LEU A 9 -38.90 -48.37 -25.92
C LEU A 9 -38.81 -48.09 -24.42
N GLN A 10 -39.04 -49.11 -23.61
CA GLN A 10 -39.00 -48.98 -22.16
C GLN A 10 -37.63 -48.53 -21.68
N GLU A 11 -36.60 -49.15 -22.25
CA GLU A 11 -35.20 -48.84 -21.90
C GLU A 11 -34.90 -47.36 -22.15
N VAL A 12 -35.27 -46.90 -23.34
CA VAL A 12 -34.98 -45.51 -23.75
C VAL A 12 -35.81 -44.51 -22.95
N GLU A 13 -37.08 -44.79 -22.69
CA GLU A 13 -37.90 -43.97 -21.77
C GLU A 13 -37.27 -43.82 -20.38
N ILE A 14 -36.84 -44.93 -19.79
CA ILE A 14 -36.16 -44.91 -18.50
C ILE A 14 -34.90 -43.99 -18.58
N ARG A 15 -34.08 -44.21 -19.59
CA ARG A 15 -32.84 -43.43 -19.73
C ARG A 15 -33.17 -41.93 -19.85
N ASN A 16 -34.16 -41.59 -20.68
CA ASN A 16 -34.54 -40.16 -20.91
C ASN A 16 -34.95 -39.48 -19.61
N LYS A 17 -35.71 -40.21 -18.79
CA LYS A 17 -36.17 -39.67 -17.55
C LYS A 17 -34.97 -39.43 -16.62
N ASP A 18 -34.03 -40.37 -16.61
CA ASP A 18 -32.79 -40.24 -15.84
C ASP A 18 -32.00 -39.04 -16.30
N LEU A 19 -31.86 -38.87 -17.63
CA LEU A 19 -31.10 -37.75 -18.24
C LEU A 19 -31.71 -36.39 -17.90
N GLU A 20 -33.04 -36.32 -17.86
CA GLU A 20 -33.75 -35.07 -17.56
C GLU A 20 -33.41 -34.63 -16.15
N GLY A 21 -33.35 -35.61 -15.23
CA GLY A 21 -32.99 -35.34 -13.83
C GLY A 21 -31.55 -34.86 -13.70
N GLN A 22 -30.63 -35.57 -14.35
CA GLN A 22 -29.20 -35.20 -14.34
C GLN A 22 -28.97 -33.84 -14.95
N LEU A 23 -29.71 -33.52 -16.00
CA LEU A 23 -29.58 -32.22 -16.63
C LEU A 23 -30.08 -31.11 -15.69
N SER A 24 -31.27 -31.29 -15.13
CA SER A 24 -31.83 -30.34 -14.14
C SER A 24 -30.83 -30.02 -13.02
N GLU A 25 -30.25 -31.08 -12.46
CA GLU A 25 -29.26 -30.96 -11.38
C GLU A 25 -28.03 -30.17 -11.83
N GLU A 27 -27.62 -28.08 -14.50
CA GLU A 27 -27.94 -26.70 -14.86
C GLU A 27 -28.09 -25.84 -13.61
N GLN A 28 -28.69 -26.42 -12.57
CA GLN A 28 -28.86 -25.74 -11.28
C GLN A 28 -27.51 -25.49 -10.59
N ARG A 29 -26.63 -26.49 -10.65
CA ARG A 29 -25.25 -26.36 -10.17
C ARG A 29 -24.45 -25.27 -10.92
N LEU A 30 -24.49 -25.31 -12.25
CA LEU A 30 -23.80 -24.32 -13.06
C LEU A 30 -24.31 -22.90 -12.79
N GLU A 31 -25.63 -22.76 -12.70
CA GLU A 31 -26.25 -21.45 -12.54
C GLU A 31 -25.87 -20.84 -11.17
N LYS A 32 -25.88 -21.67 -10.13
CA LYS A 32 -25.54 -21.25 -8.76
C LYS A 32 -24.06 -20.86 -8.71
N SER A 33 -23.24 -21.69 -9.32
CA SER A 33 -21.79 -21.48 -9.35
C SER A 33 -21.44 -20.14 -9.98
N GLN A 34 -22.10 -19.85 -11.11
CA GLN A 34 -21.86 -18.62 -11.87
C GLN A 34 -22.42 -17.37 -11.13
N SER A 35 -23.54 -17.52 -10.43
CA SER A 35 -24.09 -16.43 -9.63
C SER A 35 -23.13 -16.07 -8.49
N GLU A 36 -22.56 -17.11 -7.89
CA GLU A 36 -21.63 -16.96 -6.82
C GLU A 36 -20.36 -16.28 -7.34
N GLN A 37 -19.90 -16.70 -8.52
CA GLN A 37 -18.70 -16.10 -9.12
C GLN A 37 -18.93 -14.62 -9.46
N ASP A 38 -20.10 -14.29 -9.99
CA ASP A 38 -20.47 -12.89 -10.24
C ASP A 38 -20.44 -12.01 -8.98
N ALA A 39 -21.02 -12.51 -7.90
CA ALA A 39 -21.01 -11.80 -6.62
C ALA A 39 -19.58 -11.63 -6.06
N PHE A 40 -18.76 -12.66 -6.26
CA PHE A 40 -17.34 -12.66 -5.84
C PHE A 40 -16.63 -11.53 -6.62
N ARG A 41 -16.84 -11.48 -7.94
CA ARG A 41 -16.15 -10.48 -8.77
C ARG A 41 -16.61 -9.06 -8.40
N SER A 42 -17.91 -8.90 -8.10
CA SER A 42 -18.43 -7.61 -7.67
C SER A 42 -17.77 -7.16 -6.35
N ASN A 43 -17.68 -8.07 -5.38
CA ASN A 43 -16.99 -7.79 -4.10
C ASN A 43 -15.52 -7.42 -4.29
N LEU A 44 -14.85 -8.10 -5.22
CA LEU A 44 -13.47 -7.77 -5.53
C LEU A 44 -13.34 -6.41 -6.19
N LYS A 45 -14.33 -6.05 -7.02
CA LYS A 45 -14.36 -4.71 -7.65
C LYS A 45 -14.39 -3.59 -6.59
N THR A 46 -15.20 -3.77 -5.56
CA THR A 46 -15.26 -2.77 -4.47
C THR A 46 -13.90 -2.69 -3.77
N LEU A 47 -13.29 -3.86 -3.52
CA LEU A 47 -11.96 -3.90 -2.90
C LEU A 47 -10.92 -3.17 -3.74
N LEU A 48 -11.00 -3.33 -5.06
CA LEU A 48 -10.08 -2.63 -5.98
C LEU A 48 -10.23 -1.11 -5.88
N GLU A 49 -11.48 -0.65 -5.89
CA GLU A 49 -11.78 0.79 -5.68
C GLU A 49 -11.21 1.28 -4.36
N ILE A 50 -11.37 0.48 -3.31
CA ILE A 50 -10.80 0.87 -2.01
C ILE A 50 -9.28 0.94 -1.99
N LEU A 51 -8.66 -0.11 -2.51
CA LEU A 51 -7.20 -0.13 -2.75
C LEU A 51 -6.72 1.11 -3.53
N ASP A 52 -7.40 1.47 -4.63
CA ASP A 52 -7.02 2.69 -5.34
C ASP A 52 -7.00 3.95 -4.44
N GLY A 53 -7.99 4.07 -3.56
CA GLY A 53 -8.09 5.22 -2.64
C GLY A 53 -6.84 5.23 -1.74
N LYS A 54 -6.46 4.04 -1.26
CA LYS A 54 -5.33 3.92 -0.32
C LYS A 54 -4.03 4.26 -1.01
N ILE A 55 -3.85 3.79 -2.25
CA ILE A 55 -2.67 4.20 -3.06
C ILE A 55 -2.65 5.73 -3.30
N PHE A 56 -3.80 6.33 -3.56
CA PHE A 56 -3.84 7.79 -3.76
C PHE A 56 -3.37 8.48 -2.46
N GLU A 57 -3.84 7.99 -1.32
CA GLU A 57 -3.52 8.62 -0.03
C GLU A 57 -2.06 8.41 0.35
N LEU A 58 -1.51 7.25 -0.01
CA LEU A 58 -0.03 7.03 0.08
C LEU A 58 0.76 7.98 -0.75
N THR A 59 0.27 8.26 -1.97
CA THR A 59 0.94 9.19 -2.88
C THR A 59 0.96 10.60 -2.26
N GLU A 60 -0.15 11.01 -1.67
CA GLU A 60 -0.22 12.30 -0.99
C GLU A 60 0.75 12.38 0.18
N LEU A 61 0.83 11.29 0.95
CA LEU A 61 1.77 11.20 2.05
C LEU A 61 3.20 11.38 1.53
N ARG A 62 3.53 10.61 0.49
CA ARG A 62 4.85 10.69 -0.13
C ARG A 62 5.13 12.12 -0.57
N ASP A 63 4.14 12.75 -1.22
CA ASP A 63 4.32 14.12 -1.70
C ASP A 63 4.59 15.08 -0.56
N ASN A 64 3.93 14.84 0.57
CA ASN A 64 4.11 15.69 1.73
C ASN A 64 5.50 15.50 2.38
N LEU A 65 6.01 14.26 2.34
CA LEU A 65 7.34 13.97 2.87
C LEU A 65 8.35 14.70 1.99
N ALA A 66 8.14 14.62 0.67
CA ALA A 66 9.05 15.26 -0.29
C ALA A 66 9.09 16.78 -0.08
N LYS A 67 7.92 17.37 0.21
CA LYS A 67 7.80 18.80 0.49
C LYS A 67 8.57 19.19 1.74
N LEU A 68 8.53 18.33 2.75
CA LEU A 68 9.17 18.60 4.04
C LEU A 68 10.68 18.58 3.85
N LEU A 69 11.15 17.67 3.00
CA LEU A 69 12.57 17.51 2.73
C LEU A 69 13.05 18.59 1.75
N GLU A 70 12.12 19.44 1.32
CA GLU A 70 12.40 20.59 0.42
C GLU A 70 13.05 20.13 -0.87
N SER B 5 -46.63 -47.99 -32.37
CA SER B 5 -45.31 -48.35 -31.75
C SER B 5 -44.11 -47.76 -32.50
N HIS B 6 -44.18 -47.77 -33.83
CA HIS B 6 -43.01 -47.35 -34.64
C HIS B 6 -42.71 -45.84 -34.48
N LYS B 8 -43.69 -43.98 -31.97
CA LYS B 8 -43.37 -43.69 -30.60
C LYS B 8 -41.90 -44.02 -30.32
N LEU B 9 -41.43 -45.17 -30.78
CA LEU B 9 -39.99 -45.51 -30.59
C LEU B 9 -39.12 -44.50 -31.29
N GLN B 10 -39.50 -44.10 -32.51
CA GLN B 10 -38.69 -43.10 -33.22
C GLN B 10 -38.61 -41.80 -32.40
N GLU B 11 -39.76 -41.37 -31.89
CA GLU B 11 -39.86 -40.14 -31.11
C GLU B 11 -38.95 -40.21 -29.87
N VAL B 12 -39.01 -41.33 -29.15
CA VAL B 12 -38.26 -41.42 -27.90
C VAL B 12 -36.76 -41.54 -28.14
N GLU B 13 -36.37 -42.19 -29.25
CA GLU B 13 -34.96 -42.30 -29.68
C GLU B 13 -34.38 -40.93 -30.11
N ILE B 14 -35.13 -40.16 -30.92
CA ILE B 14 -34.75 -38.76 -31.26
C ILE B 14 -34.58 -37.88 -30.01
N ARG B 15 -35.55 -37.97 -29.11
CA ARG B 15 -35.44 -37.32 -27.80
C ARG B 15 -34.19 -37.74 -27.00
N ASN B 16 -33.88 -39.04 -27.04
CA ASN B 16 -32.71 -39.52 -26.33
C ASN B 16 -31.43 -38.92 -26.89
N LYS B 17 -31.34 -38.85 -28.21
CA LYS B 17 -30.15 -38.22 -28.85
C LYS B 17 -29.97 -36.76 -28.45
N ASP B 18 -31.09 -36.05 -28.36
CA ASP B 18 -31.18 -34.66 -27.92
C ASP B 18 -30.64 -34.50 -26.49
N LEU B 19 -31.21 -35.30 -25.58
CA LEU B 19 -30.81 -35.29 -24.16
C LEU B 19 -29.35 -35.68 -23.93
N GLU B 20 -28.89 -36.71 -24.65
CA GLU B 20 -27.51 -37.15 -24.55
C GLU B 20 -26.58 -36.01 -24.96
N GLY B 21 -26.96 -35.29 -26.03
CA GLY B 21 -26.20 -34.17 -26.49
C GLY B 21 -26.17 -33.06 -25.45
N GLN B 22 -27.35 -32.70 -24.93
CA GLN B 22 -27.43 -31.73 -23.82
C GLN B 22 -26.55 -32.12 -22.64
N LEU B 23 -26.57 -33.39 -22.26
CA LEU B 23 -25.67 -33.85 -21.21
C LEU B 23 -24.19 -33.59 -21.56
N SER B 24 -23.77 -33.94 -22.77
CA SER B 24 -22.40 -33.72 -23.20
C SER B 24 -22.04 -32.24 -23.12
N GLU B 25 -22.95 -31.41 -23.58
CA GLU B 25 -22.77 -29.97 -23.52
C GLU B 25 -22.60 -29.47 -22.10
N GLU B 27 -21.65 -31.23 -19.38
CA GLU B 27 -20.37 -31.73 -18.86
C GLU B 27 -19.22 -30.80 -19.26
N GLN B 28 -19.25 -30.39 -20.52
CA GLN B 28 -18.21 -29.56 -21.12
C GLN B 28 -18.22 -28.14 -20.55
N ARG B 29 -19.43 -27.57 -20.41
CA ARG B 29 -19.58 -26.26 -19.78
C ARG B 29 -19.14 -26.25 -18.31
N LEU B 30 -19.49 -27.32 -17.59
CA LEU B 30 -19.12 -27.40 -16.17
C LEU B 30 -17.60 -27.46 -16.05
N GLU B 31 -16.95 -28.25 -16.92
CA GLU B 31 -15.49 -28.38 -16.92
C GLU B 31 -14.79 -27.05 -17.17
N LYS B 32 -15.31 -26.33 -18.17
CA LYS B 32 -14.72 -25.03 -18.56
C LYS B 32 -14.91 -23.99 -17.46
N SER B 33 -16.11 -23.96 -16.88
CA SER B 33 -16.45 -23.02 -15.81
C SER B 33 -15.57 -23.29 -14.60
N GLN B 34 -15.44 -24.57 -14.25
CA GLN B 34 -14.69 -24.93 -13.08
C GLN B 34 -13.23 -24.51 -13.27
N SER B 35 -12.70 -24.73 -14.49
CA SER B 35 -11.31 -24.33 -14.82
C SER B 35 -11.02 -22.83 -14.73
N GLU B 36 -11.88 -22.04 -15.36
CA GLU B 36 -11.81 -20.60 -15.28
C GLU B 36 -11.89 -20.08 -13.85
N GLN B 37 -12.78 -20.67 -13.04
CA GLN B 37 -12.94 -20.23 -11.64
C GLN B 37 -11.70 -20.55 -10.80
N ASP B 38 -11.14 -21.76 -10.98
CA ASP B 38 -9.92 -22.16 -10.29
C ASP B 38 -8.75 -21.28 -10.66
N ALA B 39 -8.62 -20.95 -11.96
CA ALA B 39 -7.49 -20.13 -12.42
C ALA B 39 -7.63 -18.71 -11.83
N PHE B 40 -8.86 -18.23 -11.84
CA PHE B 40 -9.17 -16.91 -11.33
C PHE B 40 -8.79 -16.82 -9.87
N ARG B 41 -9.17 -17.85 -9.10
CA ARG B 41 -8.84 -17.94 -7.66
C ARG B 41 -7.34 -17.99 -7.41
N SER B 42 -6.63 -18.85 -8.16
CA SER B 42 -5.19 -18.98 -8.01
C SER B 42 -4.46 -17.66 -8.29
N ASN B 43 -4.90 -16.98 -9.34
CA ASN B 43 -4.32 -15.71 -9.76
C ASN B 43 -4.56 -14.62 -8.71
N LEU B 44 -5.76 -14.63 -8.14
CA LEU B 44 -6.08 -13.74 -7.01
C LEU B 44 -5.19 -14.00 -5.79
N LYS B 45 -4.97 -15.28 -5.47
CA LYS B 45 -4.13 -15.67 -4.35
C LYS B 45 -2.70 -15.13 -4.54
N THR B 46 -2.23 -15.08 -5.78
CA THR B 46 -0.92 -14.45 -6.07
C THR B 46 -0.89 -12.99 -5.59
N LEU B 47 -1.91 -12.24 -5.98
CA LEU B 47 -1.97 -10.82 -5.68
C LEU B 47 -2.06 -10.57 -4.16
N LEU B 48 -2.77 -11.47 -3.47
CA LEU B 48 -2.89 -11.44 -2.00
C LEU B 48 -1.49 -11.65 -1.39
N GLU B 49 -0.73 -12.60 -1.93
CA GLU B 49 0.63 -12.81 -1.39
C GLU B 49 1.56 -11.61 -1.67
N ILE B 50 1.45 -11.03 -2.86
CA ILE B 50 2.23 -9.85 -3.18
C ILE B 50 1.81 -8.66 -2.28
N LEU B 51 0.51 -8.49 -2.09
CA LEU B 51 0.02 -7.42 -1.17
C LEU B 51 0.63 -7.59 0.23
N ASP B 52 0.55 -8.81 0.76
CA ASP B 52 1.23 -9.15 2.02
C ASP B 52 2.71 -8.73 2.07
N GLY B 53 3.46 -8.99 1.00
CA GLY B 53 4.85 -8.54 0.93
C GLY B 53 5.02 -7.03 0.94
N LYS B 54 4.13 -6.33 0.22
CA LYS B 54 4.18 -4.87 0.22
C LYS B 54 3.91 -4.30 1.62
N ILE B 55 2.96 -4.90 2.33
CA ILE B 55 2.59 -4.45 3.68
C ILE B 55 3.83 -4.68 4.56
N PHE B 56 4.47 -5.84 4.39
CA PHE B 56 5.71 -6.14 5.12
C PHE B 56 6.80 -5.09 4.87
N GLU B 57 7.04 -4.76 3.60
CA GLU B 57 8.06 -3.80 3.19
C GLU B 57 7.74 -2.41 3.71
N LEU B 58 6.47 -2.01 3.60
CA LEU B 58 6.04 -0.75 4.20
C LEU B 58 6.21 -0.72 5.73
N THR B 59 6.03 -1.84 6.40
CA THR B 59 6.17 -1.89 7.87
C THR B 59 7.66 -1.75 8.22
N GLU B 60 8.53 -2.31 7.37
CA GLU B 60 9.98 -2.08 7.50
C GLU B 60 10.37 -0.62 7.34
N LEU B 61 9.78 0.04 6.34
CA LEU B 61 9.99 1.45 6.13
C LEU B 61 9.54 2.26 7.34
N ARG B 62 8.36 1.92 7.85
CA ARG B 62 7.83 2.64 8.97
C ARG B 62 8.77 2.48 10.16
N ASP B 63 9.30 1.27 10.35
CA ASP B 63 10.25 0.98 11.43
C ASP B 63 11.56 1.76 11.31
N ASN B 64 12.09 1.88 10.10
CA ASN B 64 13.28 2.71 9.86
C ASN B 64 13.00 4.18 10.16
N LEU B 65 11.82 4.66 9.75
CA LEU B 65 11.44 6.05 9.99
C LEU B 65 11.36 6.33 11.47
N ALA B 66 10.66 5.44 12.19
CA ALA B 66 10.52 5.53 13.65
C ALA B 66 11.88 5.55 14.36
N LYS B 67 12.80 4.69 13.93
CA LYS B 67 14.16 4.65 14.49
C LYS B 67 14.96 5.93 14.21
N LEU B 68 14.79 6.51 13.02
CA LEU B 68 15.43 7.79 12.70
C LEU B 68 14.88 8.91 13.56
N LEU B 69 13.61 8.77 13.94
CA LEU B 69 12.93 9.75 14.77
C LEU B 69 13.29 9.61 16.25
N GLU B 70 13.32 8.39 16.75
CA GLU B 70 13.64 8.14 18.15
C GLU B 70 15.15 8.14 18.38
N SER C 5 40.79 55.35 32.13
CA SER C 5 40.68 54.36 33.24
C SER C 5 41.48 53.09 32.99
N HIS C 6 42.48 52.88 33.84
CA HIS C 6 43.25 51.65 33.88
C HIS C 6 42.34 50.48 34.30
N LYS C 8 39.02 50.23 33.87
CA LYS C 8 38.03 49.97 32.82
C LYS C 8 38.69 49.21 31.68
N LEU C 9 39.90 49.61 31.30
CA LEU C 9 40.60 48.94 30.20
C LEU C 9 40.80 47.46 30.53
N GLN C 10 41.28 47.22 31.75
CA GLN C 10 41.56 45.89 32.29
C GLN C 10 40.32 45.01 32.16
N GLU C 11 39.22 45.55 32.64
CA GLU C 11 37.93 44.84 32.63
C GLU C 11 37.43 44.55 31.23
N VAL C 12 37.47 45.52 30.34
CA VAL C 12 36.92 45.28 28.99
C VAL C 12 37.80 44.30 28.20
N GLU C 13 39.13 44.36 28.37
CA GLU C 13 40.00 43.41 27.67
C GLU C 13 39.72 41.97 28.11
N ILE C 14 39.53 41.75 29.41
CA ILE C 14 39.16 40.43 29.95
C ILE C 14 37.81 39.94 29.38
N ARG C 15 36.87 40.88 29.26
CA ARG C 15 35.53 40.54 28.78
C ARG C 15 35.62 40.11 27.33
N ASN C 16 36.38 40.87 26.54
CA ASN C 16 36.48 40.61 25.10
C ASN C 16 37.11 39.26 24.80
N LYS C 17 38.14 38.90 25.57
CA LYS C 17 38.73 37.55 25.42
C LYS C 17 37.70 36.45 25.69
N ASP C 18 36.85 36.65 26.70
CA ASP C 18 35.77 35.68 27.01
C ASP C 18 34.83 35.61 25.81
N LEU C 19 34.34 36.76 25.38
CA LEU C 19 33.41 36.86 24.27
C LEU C 19 33.94 36.13 23.02
N GLU C 20 35.23 36.29 22.71
CA GLU C 20 35.86 35.61 21.58
C GLU C 20 35.66 34.08 21.65
N GLY C 21 35.90 33.51 22.84
CA GLY C 21 35.70 32.09 23.07
C GLY C 21 34.26 31.64 23.05
N GLN C 22 33.36 32.47 23.57
CA GLN C 22 31.94 32.17 23.48
C GLN C 22 31.51 32.14 22.04
N LEU C 23 32.00 33.09 21.24
CA LEU C 23 31.56 33.17 19.85
C LEU C 23 32.05 31.95 19.05
N SER C 24 33.33 31.59 19.24
CA SER C 24 33.91 30.41 18.59
C SER C 24 33.10 29.16 18.91
N GLU C 25 32.79 28.97 20.19
CA GLU C 25 32.01 27.82 20.65
C GLU C 25 30.60 27.85 20.07
N GLU C 27 29.57 29.25 17.25
CA GLU C 27 29.72 28.92 15.83
C GLU C 27 29.87 27.39 15.63
N GLN C 28 30.73 26.78 16.44
CA GLN C 28 30.92 25.31 16.46
C GLN C 28 29.63 24.54 16.82
N ARG C 29 28.91 25.04 17.81
CA ARG C 29 27.60 24.51 18.18
C ARG C 29 26.65 24.51 16.98
N LEU C 30 26.54 25.65 16.28
CA LEU C 30 25.63 25.78 15.12
C LEU C 30 26.01 24.83 13.98
N GLU C 31 27.30 24.77 13.67
CA GLU C 31 27.82 23.88 12.63
C GLU C 31 27.51 22.42 12.94
N LYS C 32 27.73 22.02 14.19
CA LYS C 32 27.41 20.66 14.64
C LYS C 32 25.93 20.36 14.46
N SER C 33 25.10 21.30 14.91
CA SER C 33 23.65 21.14 14.79
C SER C 33 23.26 21.00 13.32
N GLN C 34 23.81 21.86 12.48
CA GLN C 34 23.41 21.91 11.07
C GLN C 34 23.88 20.66 10.29
N SER C 35 25.03 20.12 10.71
CA SER C 35 25.62 18.91 10.15
C SER C 35 24.74 17.70 10.45
N GLU C 36 24.37 17.58 11.73
CA GLU C 36 23.44 16.57 12.21
C GLU C 36 22.09 16.61 11.46
N GLN C 37 21.56 17.82 11.27
CA GLN C 37 20.28 17.93 10.58
C GLN C 37 20.44 17.48 9.11
N ASP C 38 21.56 17.82 8.48
CA ASP C 38 21.87 17.46 7.08
C ASP C 38 21.90 15.95 6.90
N ALA C 39 22.49 15.28 7.90
CA ALA C 39 22.63 13.82 7.89
C ALA C 39 21.26 13.19 8.09
N PHE C 40 20.48 13.80 8.98
CA PHE C 40 19.08 13.42 9.20
C PHE C 40 18.31 13.54 7.88
N ARG C 41 18.41 14.69 7.21
CA ARG C 41 17.68 14.93 5.94
C ARG C 41 18.07 13.92 4.86
N SER C 42 19.37 13.71 4.66
CA SER C 42 19.83 12.69 3.70
C SER C 42 19.29 11.26 3.97
N ASN C 43 19.22 10.88 5.23
CA ASN C 43 18.75 9.53 5.55
C ASN C 43 17.24 9.41 5.27
N LEU C 44 16.52 10.50 5.46
CA LEU C 44 15.10 10.52 5.14
C LEU C 44 14.85 10.52 3.63
N LYS C 45 15.76 11.14 2.87
CA LYS C 45 15.61 11.16 1.41
C LYS C 45 15.71 9.74 0.87
N THR C 46 16.57 8.93 1.47
CA THR C 46 16.63 7.51 1.10
C THR C 46 15.29 6.83 1.36
N LEU C 47 14.77 7.02 2.57
CA LEU C 47 13.40 6.54 2.92
C LEU C 47 12.28 6.97 1.95
N LEU C 48 12.34 8.22 1.49
CA LEU C 48 11.38 8.79 0.54
C LEU C 48 11.48 8.06 -0.81
N GLU C 49 12.71 7.81 -1.23
CA GLU C 49 12.94 7.11 -2.50
C GLU C 49 12.48 5.66 -2.51
N ILE C 50 12.72 4.96 -1.40
CA ILE C 50 12.16 3.64 -1.19
C ILE C 50 10.63 3.69 -1.17
N LEU C 51 10.07 4.70 -0.53
CA LEU C 51 8.60 4.86 -0.53
C LEU C 51 8.06 5.01 -1.94
N ASP C 52 8.78 5.78 -2.78
CA ASP C 52 8.43 5.93 -4.21
C ASP C 52 8.30 4.58 -4.89
N GLY C 53 9.28 3.73 -4.60
CA GLY C 53 9.40 2.37 -5.13
C GLY C 53 8.19 1.56 -4.69
N LYS C 54 7.84 1.62 -3.41
CA LYS C 54 6.67 0.84 -2.94
C LYS C 54 5.36 1.31 -3.57
N ILE C 55 5.22 2.62 -3.74
CA ILE C 55 4.05 3.16 -4.43
C ILE C 55 3.95 2.66 -5.88
N PHE C 56 5.06 2.72 -6.65
CA PHE C 56 5.02 2.11 -8.00
C PHE C 56 4.59 0.65 -7.99
N GLU C 57 5.12 -0.09 -7.03
CA GLU C 57 4.83 -1.51 -6.91
C GLU C 57 3.38 -1.75 -6.57
N LEU C 58 2.83 -0.95 -5.66
CA LEU C 58 1.39 -1.04 -5.39
C LEU C 58 0.51 -0.71 -6.59
N THR C 59 0.91 0.30 -7.35
CA THR C 59 0.22 0.67 -8.56
C THR C 59 0.21 -0.52 -9.56
N GLU C 60 1.34 -1.21 -9.67
CA GLU C 60 1.40 -2.37 -10.59
C GLU C 60 0.43 -3.45 -10.09
N LEU C 61 0.44 -3.65 -8.79
CA LEU C 61 -0.45 -4.62 -8.16
C LEU C 61 -1.90 -4.27 -8.46
N ARG C 62 -2.31 -3.01 -8.26
CA ARG C 62 -3.68 -2.60 -8.58
C ARG C 62 -4.00 -2.80 -10.06
N ASP C 63 -3.03 -2.51 -10.91
CA ASP C 63 -3.22 -2.73 -12.34
C ASP C 63 -3.43 -4.20 -12.67
N ASN C 64 -2.72 -5.08 -11.98
CA ASN C 64 -2.84 -6.52 -12.20
C ASN C 64 -4.20 -7.01 -11.69
N LEU C 65 -4.64 -6.46 -10.57
CA LEU C 65 -5.99 -6.80 -10.07
C LEU C 65 -7.09 -6.33 -11.05
N ALA C 66 -6.98 -5.09 -11.52
CA ALA C 66 -7.91 -4.54 -12.51
C ALA C 66 -7.99 -5.43 -13.76
N LYS C 67 -6.82 -5.83 -14.27
CA LYS C 67 -6.74 -6.78 -15.41
C LYS C 67 -7.48 -8.11 -15.17
N LEU C 68 -7.30 -8.70 -13.99
CA LEU C 68 -7.93 -9.96 -13.60
C LEU C 68 -9.46 -9.79 -13.55
N LEU C 69 -9.88 -8.62 -13.08
CA LEU C 69 -11.31 -8.34 -12.93
C LEU C 69 -12.00 -7.89 -14.21
N GLU C 70 -11.23 -7.40 -15.18
CA GLU C 70 -11.80 -6.84 -16.41
C GLU C 70 -11.85 -7.90 -17.50
N LEU D 9 41.39 52.24 24.95
CA LEU D 9 40.11 51.96 25.65
C LEU D 9 38.97 52.09 24.64
N GLN D 10 38.97 53.20 23.88
CA GLN D 10 38.00 53.41 22.80
C GLN D 10 37.96 52.22 21.86
N GLU D 11 39.14 51.79 21.43
CA GLU D 11 39.24 50.69 20.47
C GLU D 11 38.70 49.37 21.03
N VAL D 12 39.02 49.07 22.29
CA VAL D 12 38.53 47.85 22.93
C VAL D 12 37.02 47.90 23.25
N GLU D 13 36.49 49.10 23.51
CA GLU D 13 35.06 49.24 23.75
C GLU D 13 34.26 49.06 22.45
N ILE D 14 34.75 49.63 21.36
CA ILE D 14 34.16 49.38 20.06
C ILE D 14 34.19 47.88 19.75
N ARG D 15 35.34 47.23 19.95
CA ARG D 15 35.41 45.78 19.74
C ARG D 15 34.43 45.03 20.67
N ASN D 16 34.24 45.51 21.90
CA ASN D 16 33.31 44.84 22.84
C ASN D 16 31.89 44.86 22.29
N LYS D 17 31.50 46.02 21.77
CA LYS D 17 30.16 46.17 21.21
C LYS D 17 30.00 45.28 19.99
N ASP D 18 31.03 45.26 19.12
CA ASP D 18 31.06 44.37 17.94
C ASP D 18 30.88 42.89 18.31
N LEU D 19 31.68 42.41 19.28
CA LEU D 19 31.62 41.01 19.73
C LEU D 19 30.28 40.66 20.34
N GLU D 20 29.76 41.52 21.20
CA GLU D 20 28.42 41.34 21.74
C GLU D 20 27.33 41.22 20.64
N GLY D 21 27.43 42.04 19.60
CA GLY D 21 26.53 42.03 18.44
C GLY D 21 26.61 40.72 17.67
N GLN D 22 27.83 40.23 17.48
CA GLN D 22 28.08 38.96 16.80
C GLN D 22 27.59 37.78 17.61
N LEU D 23 27.84 37.84 18.92
CA LEU D 23 27.34 36.77 19.79
C LEU D 23 25.80 36.73 19.79
N SER D 24 25.17 37.91 19.82
CA SER D 24 23.69 38.01 19.80
C SER D 24 23.11 37.41 18.51
N GLU D 25 23.78 37.71 17.40
CA GLU D 25 23.35 37.16 16.12
C GLU D 25 23.50 35.64 16.12
N GLU D 27 23.50 33.58 18.79
CA GLU D 27 22.43 33.10 19.67
C GLU D 27 21.14 32.95 18.87
N GLN D 28 20.82 33.99 18.13
CA GLN D 28 19.62 34.04 17.30
C GLN D 28 19.58 32.97 16.21
N ARG D 29 20.72 32.70 15.57
CA ARG D 29 20.79 31.67 14.53
C ARG D 29 20.62 30.26 15.12
N LEU D 30 21.18 30.05 16.31
CA LEU D 30 21.12 28.76 16.98
C LEU D 30 19.70 28.50 17.46
N GLU D 31 19.08 29.54 18.01
CA GLU D 31 17.70 29.40 18.48
C GLU D 31 16.76 29.08 17.30
N LYS D 32 16.97 29.76 16.17
CA LYS D 32 16.14 29.63 14.96
C LYS D 32 16.28 28.24 14.34
N SER D 33 17.50 27.76 14.33
CA SER D 33 17.85 26.45 13.82
C SER D 33 17.21 25.35 14.65
N GLN D 34 17.24 25.51 15.98
CA GLN D 34 16.62 24.50 16.84
C GLN D 34 15.10 24.54 16.67
N SER D 35 14.53 25.75 16.63
CA SER D 35 13.10 25.94 16.40
C SER D 35 12.61 25.22 15.13
N GLU D 36 13.37 25.41 14.03
CA GLU D 36 13.12 24.75 12.75
C GLU D 36 13.23 23.23 12.84
N GLN D 37 14.25 22.74 13.56
CA GLN D 37 14.50 21.30 13.71
C GLN D 37 13.36 20.68 14.51
N ASP D 38 12.87 21.42 15.51
CA ASP D 38 11.73 20.93 16.33
C ASP D 38 10.48 20.77 15.48
N ALA D 39 10.19 21.79 14.69
CA ALA D 39 9.01 21.78 13.83
C ALA D 39 9.11 20.66 12.76
N PHE D 40 10.29 20.51 12.17
CA PHE D 40 10.56 19.40 11.22
C PHE D 40 10.22 18.05 11.83
N ARG D 41 10.75 17.85 13.03
CA ARG D 41 10.49 16.63 13.80
C ARG D 41 8.99 16.43 14.09
N SER D 42 8.27 17.49 14.45
CA SER D 42 6.81 17.39 14.66
C SER D 42 6.07 16.98 13.37
N ASN D 43 6.42 17.61 12.26
CA ASN D 43 5.83 17.29 10.96
C ASN D 43 6.12 15.84 10.55
N LEU D 44 7.35 15.41 10.78
CA LEU D 44 7.75 14.05 10.45
C LEU D 44 7.00 13.02 11.30
N LYS D 45 6.82 13.30 12.60
CA LYS D 45 6.05 12.43 13.50
C LYS D 45 4.62 12.17 13.00
N THR D 46 3.98 13.22 12.50
CA THR D 46 2.63 13.08 11.95
C THR D 46 2.62 12.26 10.65
N LEU D 47 3.62 12.44 9.79
CA LEU D 47 3.76 11.59 8.59
C LEU D 47 3.91 10.11 8.92
N LEU D 48 4.68 9.81 9.97
CA LEU D 48 4.84 8.45 10.50
C LEU D 48 3.48 7.93 11.00
N GLU D 49 2.75 8.77 11.71
CA GLU D 49 1.41 8.34 12.18
C GLU D 49 0.43 8.10 11.03
N ILE D 50 0.42 8.96 10.03
CA ILE D 50 -0.43 8.75 8.84
C ILE D 50 0.01 7.45 8.13
N LEU D 51 1.31 7.23 8.04
CA LEU D 51 1.82 5.99 7.37
C LEU D 51 1.34 4.75 8.12
N ASP D 52 1.49 4.79 9.42
CA ASP D 52 1.03 3.72 10.29
C ASP D 52 -0.45 3.41 10.01
N GLY D 53 -1.25 4.46 9.89
CA GLY D 53 -2.68 4.30 9.53
C GLY D 53 -2.89 3.66 8.16
N LYS D 54 -2.10 4.10 7.16
CA LYS D 54 -2.20 3.46 5.84
C LYS D 54 -1.86 1.97 5.88
N ILE D 55 -0.89 1.60 6.72
CA ILE D 55 -0.45 0.20 6.83
C ILE D 55 -1.57 -0.61 7.44
N PHE D 56 -2.18 -0.07 8.50
CA PHE D 56 -3.30 -0.75 9.12
C PHE D 56 -4.45 -0.91 8.12
N GLU D 57 -4.74 0.14 7.35
CA GLU D 57 -5.83 0.06 6.33
C GLU D 57 -5.55 -0.96 5.23
N LEU D 58 -4.30 -1.05 4.81
CA LEU D 58 -3.91 -2.04 3.80
C LEU D 58 -4.03 -3.44 4.38
N THR D 59 -3.71 -3.55 5.67
CA THR D 59 -3.85 -4.84 6.34
C THR D 59 -5.35 -5.27 6.43
N GLU D 60 -6.23 -4.32 6.75
CA GLU D 60 -7.68 -4.59 6.67
C GLU D 60 -8.13 -5.04 5.27
N LEU D 61 -7.57 -4.42 4.25
CA LEU D 61 -7.94 -4.82 2.90
C LEU D 61 -7.44 -6.24 2.60
N ARG D 62 -6.21 -6.54 3.01
CA ARG D 62 -5.59 -7.86 2.83
C ARG D 62 -6.53 -8.86 3.51
N ASP D 63 -6.95 -8.54 4.74
CA ASP D 63 -7.84 -9.44 5.51
C ASP D 63 -9.18 -9.70 4.81
N ASN D 64 -9.75 -8.64 4.22
CA ASN D 64 -10.98 -8.72 3.47
C ASN D 64 -10.82 -9.56 2.21
N LEU D 65 -9.71 -9.38 1.50
CA LEU D 65 -9.43 -10.25 0.36
C LEU D 65 -9.28 -11.72 0.78
N ALA D 66 -8.55 -11.95 1.88
CA ALA D 66 -8.30 -13.33 2.33
C ALA D 66 -9.63 -13.99 2.63
N LYS D 67 -10.50 -13.20 3.27
CA LYS D 67 -11.86 -13.64 3.64
C LYS D 67 -12.69 -13.99 2.41
N LEU D 68 -12.66 -13.14 1.39
CA LEU D 68 -13.41 -13.40 0.15
C LEU D 68 -12.96 -14.70 -0.52
N LEU D 69 -11.65 -14.92 -0.54
CA LEU D 69 -11.10 -16.21 -0.94
C LEU D 69 -11.49 -17.33 0.02
#